data_6T86
#
_entry.id   6T86
#
_cell.length_a   159.786
_cell.length_b   159.786
_cell.length_c   75.491
_cell.angle_alpha   90.000
_cell.angle_beta   90.000
_cell.angle_gamma   120.000
#
_symmetry.space_group_name_H-M   'P 6 2 2'
#
loop_
_entity.id
_entity.type
_entity.pdbx_description
1 polymer 'Urocanate reductase'
2 non-polymer 'FLAVIN-ADENINE DINUCLEOTIDE'
3 non-polymer GLYCEROL
4 non-polymer 'CHLORIDE ION'
5 non-polymer 'SULFATE ION'
6 non-polymer 'SODIUM ION'
7 water water
#
_entity_poly.entity_id   1
_entity_poly.type   'polypeptide(L)'
_entity_poly.pdbx_seq_one_letter_code
;MEYTYDVVIIGSGGAGFSAGLEAIAAGRSAVIIEKMPIIGGNSLISGAEMNVAGSWVQKNMGITDSKELFISDTLKGGDF
KGDPEMVKTMVDNAVGAAEWLRDYVKVEFYPDQLFQFGGHSVKRALIPKGHTGAEVISKFSIKADEVGLPIHTNTKAEKL
IQDQTGRIVGVEAAHNGKTITYHAKRGVVIATGGFSSNMEMRKKYNPELDERYGSTGHAGGTGDGIVMAEKIHAAAKNMG
YIQSYPICSPTSGAIALIADSRFFGAVLINQKGERFVEELERRDVISHAILAQPGRYTYVLWNQDIENVAHTVEMHQGEL
KEFTKDGLMYKVDTLEEAAKVFNIPEDKLLSTIKDVNHYAATGKDEAFNHRSGLVDLSKGPYWILKATPSVHHTMGGLVV
DTRTRVLDEQGKVIPGLFAAGEVTGLTHGTNRLGGNAYTDIIVYGRIAGQEAAKHHHHHH
;
_entity_poly.pdbx_strand_id   A
#
loop_
_chem_comp.id
_chem_comp.type
_chem_comp.name
_chem_comp.formula
CL non-polymer 'CHLORIDE ION' 'Cl -1'
FAD non-polymer 'FLAVIN-ADENINE DINUCLEOTIDE' 'C27 H33 N9 O15 P2'
GOL non-polymer GLYCEROL 'C3 H8 O3'
NA non-polymer 'SODIUM ION' 'Na 1'
SO4 non-polymer 'SULFATE ION' 'O4 S -2'
#
# COMPACT_ATOMS: atom_id res chain seq x y z
N MET A 1 32.63 15.78 -3.04
CA MET A 1 31.73 16.38 -2.07
C MET A 1 31.49 15.44 -0.90
N GLU A 2 31.36 16.01 0.30
CA GLU A 2 31.32 15.23 1.53
C GLU A 2 30.43 15.90 2.56
N TYR A 3 29.45 15.15 3.07
CA TYR A 3 28.58 15.59 4.15
C TYR A 3 28.78 14.69 5.37
N THR A 4 28.60 15.26 6.55
CA THR A 4 28.71 14.51 7.80
C THR A 4 27.53 14.84 8.69
N TYR A 5 26.74 13.82 9.02
CA TYR A 5 25.63 13.94 9.95
C TYR A 5 25.69 12.79 10.94
N ASP A 6 24.87 12.90 11.99
CA ASP A 6 24.74 11.77 12.92
C ASP A 6 23.92 10.65 12.29
N VAL A 7 22.78 10.98 11.70
CA VAL A 7 21.87 9.98 11.12
C VAL A 7 21.59 10.38 9.68
N VAL A 8 21.79 9.45 8.76
CA VAL A 8 21.50 9.65 7.35
C VAL A 8 20.32 8.75 7.00
N ILE A 9 19.19 9.36 6.65
CA ILE A 9 17.98 8.62 6.30
C ILE A 9 17.84 8.61 4.79
N ILE A 10 17.61 7.44 4.22
CA ILE A 10 17.41 7.29 2.79
C ILE A 10 15.92 7.10 2.55
N GLY A 11 15.29 8.10 1.93
CA GLY A 11 13.88 8.01 1.58
C GLY A 11 13.02 9.03 2.31
N SER A 12 12.24 9.81 1.58
CA SER A 12 11.43 10.87 2.16
C SER A 12 9.95 10.50 2.25
N GLY A 13 9.65 9.22 2.44
CA GLY A 13 8.29 8.80 2.71
C GLY A 13 7.95 8.95 4.19
N GLY A 14 6.85 8.31 4.57
CA GLY A 14 6.40 8.39 5.96
C GLY A 14 7.41 7.81 6.94
N ALA A 15 8.08 6.73 6.55
CA ALA A 15 9.05 6.11 7.44
C ALA A 15 10.28 7.00 7.62
N GLY A 16 10.78 7.58 6.54
CA GLY A 16 11.97 8.41 6.65
C GLY A 16 11.71 9.70 7.41
N PHE A 17 10.57 10.34 7.15
CA PHE A 17 10.26 11.60 7.83
C PHE A 17 10.10 11.38 9.33
N SER A 18 9.51 10.24 9.73
CA SER A 18 9.41 9.94 11.15
C SER A 18 10.78 9.71 11.77
N ALA A 19 11.64 8.96 11.08
CA ALA A 19 12.99 8.73 11.58
C ALA A 19 13.78 10.04 11.66
N GLY A 20 13.70 10.86 10.62
CA GLY A 20 14.43 12.11 10.60
C GLY A 20 14.00 13.05 11.73
N LEU A 21 12.69 13.18 11.94
CA LEU A 21 12.21 14.07 12.99
C LEU A 21 12.60 13.58 14.37
N GLU A 22 12.58 12.27 14.59
CA GLU A 22 12.95 11.75 15.91
C GLU A 22 14.45 11.89 16.16
N ALA A 23 15.26 11.76 15.11
CA ALA A 23 16.71 11.94 15.26
C ALA A 23 17.04 13.37 15.63
N ILE A 24 16.46 14.34 14.90
CA ILE A 24 16.67 15.75 15.23
C ILE A 24 16.15 16.06 16.62
N ALA A 25 15.01 15.47 16.98
CA ALA A 25 14.42 15.73 18.30
C ALA A 25 15.31 15.24 19.42
N ALA A 26 16.16 14.25 19.15
CA ALA A 26 17.11 13.74 20.13
C ALA A 26 18.39 14.56 20.20
N GLY A 27 18.47 15.66 19.47
CA GLY A 27 19.65 16.51 19.53
C GLY A 27 20.79 16.07 18.66
N ARG A 28 20.50 15.42 17.53
CA ARG A 28 21.52 14.94 16.62
C ARG A 28 21.30 15.51 15.22
N SER A 29 22.39 15.68 14.49
CA SER A 29 22.27 16.11 13.10
C SER A 29 21.76 14.96 12.26
N ALA A 30 20.82 15.26 11.36
CA ALA A 30 20.24 14.25 10.49
C ALA A 30 20.01 14.86 9.12
N VAL A 31 19.77 13.99 8.15
CA VAL A 31 19.46 14.41 6.78
C VAL A 31 18.63 13.31 6.13
N ILE A 32 17.69 13.72 5.29
CA ILE A 32 16.94 12.81 4.44
C ILE A 32 17.42 13.04 3.00
N ILE A 33 17.84 11.97 2.33
CA ILE A 33 18.21 12.04 0.92
C ILE A 33 17.13 11.34 0.12
N GLU A 34 16.67 12.01 -0.94
CA GLU A 34 15.55 11.54 -1.75
C GLU A 34 15.99 11.44 -3.20
N LYS A 35 15.72 10.28 -3.81
CA LYS A 35 16.14 10.03 -5.18
C LYS A 35 15.30 10.80 -6.18
N MET A 36 13.99 10.88 -5.95
CA MET A 36 13.10 11.56 -6.87
C MET A 36 13.21 13.07 -6.72
N PRO A 37 12.75 13.83 -7.72
CA PRO A 37 12.69 15.30 -7.56
C PRO A 37 11.59 15.77 -6.62
N ILE A 38 10.65 14.90 -6.24
CA ILE A 38 9.62 15.26 -5.27
C ILE A 38 9.78 14.37 -4.04
N ILE A 39 9.27 14.85 -2.92
CA ILE A 39 9.30 14.13 -1.67
C ILE A 39 7.98 13.39 -1.49
N GLY A 40 8.01 12.33 -0.69
CA GLY A 40 6.78 11.65 -0.31
C GLY A 40 6.66 10.21 -0.76
N GLY A 41 7.24 9.88 -1.90
CA GLY A 41 7.18 8.51 -2.41
C GLY A 41 5.75 8.00 -2.48
N ASN A 42 5.59 6.70 -2.16
CA ASN A 42 4.25 6.12 -2.14
C ASN A 42 3.41 6.70 -1.00
N SER A 43 4.05 7.17 0.08
CA SER A 43 3.31 7.78 1.18
C SER A 43 2.57 9.03 0.74
N LEU A 44 3.01 9.68 -0.34
CA LEU A 44 2.36 10.89 -0.82
C LEU A 44 1.07 10.57 -1.56
N ILE A 45 1.12 9.64 -2.51
CA ILE A 45 -0.06 9.29 -3.29
C ILE A 45 -0.97 8.30 -2.57
N SER A 46 -0.64 7.96 -1.33
CA SER A 46 -1.39 7.04 -0.49
C SER A 46 -2.67 7.69 0.04
N GLY A 47 -3.59 6.82 0.47
CA GLY A 47 -4.75 7.32 1.22
C GLY A 47 -4.40 7.73 2.63
N ALA A 48 -3.26 7.28 3.15
CA ALA A 48 -2.76 7.64 4.48
C ALA A 48 -3.76 7.29 5.58
N GLU A 49 -4.62 6.31 5.33
CA GLU A 49 -5.55 5.83 6.34
C GLU A 49 -4.82 4.90 7.29
N MET A 50 -4.87 5.21 8.59
CA MET A 50 -3.98 4.62 9.58
C MET A 50 -4.80 3.83 10.59
N ASN A 51 -4.52 2.53 10.70
CA ASN A 51 -5.23 1.67 11.64
C ASN A 51 -4.71 1.89 13.05
N VAL A 52 -5.61 2.24 13.98
CA VAL A 52 -5.26 2.48 15.38
C VAL A 52 -6.37 1.92 16.25
N ALA A 53 -6.01 1.05 17.19
CA ALA A 53 -6.94 0.52 18.18
C ALA A 53 -6.82 1.34 19.46
N GLY A 54 -7.88 2.04 19.81
CA GLY A 54 -7.88 2.92 20.95
C GLY A 54 -7.62 4.37 20.65
N SER A 55 -7.98 4.85 19.46
CA SER A 55 -7.72 6.21 19.03
C SER A 55 -8.75 7.17 19.62
N TRP A 56 -8.37 8.45 19.68
CA TRP A 56 -9.28 9.46 20.19
C TRP A 56 -10.50 9.64 19.30
N VAL A 57 -10.38 9.31 18.01
CA VAL A 57 -11.53 9.39 17.12
C VAL A 57 -12.55 8.32 17.47
N GLN A 58 -12.08 7.09 17.76
CA GLN A 58 -12.98 6.04 18.22
C GLN A 58 -13.70 6.46 19.50
N LYS A 59 -12.99 7.08 20.43
CA LYS A 59 -13.60 7.54 21.67
C LYS A 59 -14.63 8.63 21.41
N ASN A 60 -14.36 9.50 20.43
CA ASN A 60 -15.32 10.55 20.10
C ASN A 60 -16.62 9.96 19.59
N MET A 61 -16.54 8.86 18.84
CA MET A 61 -17.71 8.25 18.24
C MET A 61 -18.36 7.17 19.13
N GLY A 62 -17.72 6.79 20.22
CA GLY A 62 -18.26 5.77 21.09
C GLY A 62 -17.84 4.36 20.75
N ILE A 63 -16.85 4.19 19.90
CA ILE A 63 -16.38 2.87 19.48
C ILE A 63 -15.33 2.38 20.46
N THR A 64 -15.48 1.13 20.91
CA THR A 64 -14.54 0.50 21.83
C THR A 64 -13.78 -0.58 21.05
N ASP A 65 -12.50 -0.33 20.81
CA ASP A 65 -11.62 -1.27 20.14
C ASP A 65 -10.76 -2.00 21.18
N SER A 66 -9.91 -2.90 20.69
CA SER A 66 -9.04 -3.68 21.56
C SER A 66 -7.72 -3.93 20.83
N LYS A 67 -6.61 -3.76 21.56
CA LYS A 67 -5.30 -3.99 20.96
C LYS A 67 -5.09 -5.46 20.62
N GLU A 68 -5.54 -6.37 21.48
CA GLU A 68 -5.38 -7.79 21.17
C GLU A 68 -6.21 -8.20 19.97
N LEU A 69 -7.38 -7.59 19.78
CA LEU A 69 -8.17 -7.83 18.59
C LEU A 69 -7.45 -7.33 17.34
N PHE A 70 -6.92 -6.11 17.42
CA PHE A 70 -6.10 -5.56 16.34
C PHE A 70 -4.92 -6.48 16.02
N ILE A 71 -4.25 -7.00 17.05
CA ILE A 71 -3.10 -7.87 16.84
C ILE A 71 -3.53 -9.16 16.12
N SER A 72 -4.60 -9.80 16.62
CA SER A 72 -5.02 -11.07 16.04
C SER A 72 -5.63 -10.88 14.66
N ASP A 73 -6.28 -9.72 14.41
CA ASP A 73 -6.75 -9.41 13.06
C ASP A 73 -5.60 -9.35 12.07
N THR A 74 -4.51 -8.68 12.46
CA THR A 74 -3.36 -8.55 11.57
C THR A 74 -2.66 -9.87 11.34
N LEU A 75 -2.52 -10.68 12.40
CA LEU A 75 -1.82 -11.95 12.27
C LEU A 75 -2.62 -12.93 11.42
N LYS A 76 -3.91 -13.06 11.69
CA LYS A 76 -4.75 -13.92 10.86
C LYS A 76 -4.81 -13.42 9.42
N GLY A 77 -4.64 -12.10 9.22
CA GLY A 77 -4.68 -11.56 7.87
C GLY A 77 -3.53 -12.04 7.00
N GLY A 78 -2.32 -12.08 7.56
CA GLY A 78 -1.16 -12.59 6.84
C GLY A 78 -0.98 -14.08 7.03
N ASP A 79 -2.06 -14.79 7.37
CA ASP A 79 -2.05 -16.24 7.58
C ASP A 79 -0.95 -16.67 8.55
N PHE A 80 -0.74 -15.84 9.58
CA PHE A 80 0.21 -16.10 10.66
C PHE A 80 1.64 -16.28 10.15
N LYS A 81 1.95 -15.77 8.97
CA LYS A 81 3.32 -15.73 8.49
C LYS A 81 4.07 -14.49 8.96
N GLY A 82 3.37 -13.51 9.53
CA GLY A 82 4.03 -12.37 10.09
C GLY A 82 4.67 -12.65 11.44
N ASP A 83 5.61 -11.80 11.80
CA ASP A 83 6.30 -11.93 13.08
C ASP A 83 5.40 -11.44 14.21
N PRO A 84 5.09 -12.28 15.20
CA PRO A 84 4.20 -11.82 16.28
C PRO A 84 4.76 -10.66 17.08
N GLU A 85 6.08 -10.60 17.28
CA GLU A 85 6.65 -9.49 18.02
C GLU A 85 6.60 -8.19 17.21
N MET A 86 6.73 -8.29 15.89
CA MET A 86 6.65 -7.09 15.05
C MET A 86 5.23 -6.56 15.01
N VAL A 87 4.23 -7.45 14.96
CA VAL A 87 2.84 -7.02 14.97
C VAL A 87 2.48 -6.43 16.33
N LYS A 88 2.94 -7.07 17.41
CA LYS A 88 2.63 -6.57 18.75
C LYS A 88 3.20 -5.18 18.97
N THR A 89 4.45 -4.96 18.55
CA THR A 89 5.06 -3.65 18.72
C THR A 89 4.37 -2.59 17.87
N MET A 90 3.88 -2.96 16.69
CA MET A 90 3.16 -2.02 15.86
C MET A 90 1.84 -1.62 16.51
N VAL A 91 1.07 -2.60 16.97
CA VAL A 91 -0.23 -2.31 17.55
C VAL A 91 -0.07 -1.55 18.87
N ASP A 92 0.91 -1.96 19.69
CA ASP A 92 1.10 -1.30 20.97
C ASP A 92 1.55 0.15 20.83
N ASN A 93 2.16 0.52 19.71
CA ASN A 93 2.64 1.88 19.49
C ASN A 93 1.77 2.67 18.52
N ALA A 94 0.62 2.13 18.13
CA ALA A 94 -0.21 2.81 17.13
C ALA A 94 -0.84 4.08 17.72
N VAL A 95 -1.32 4.02 18.96
CA VAL A 95 -1.94 5.19 19.56
C VAL A 95 -0.93 6.31 19.71
N GLY A 96 0.26 5.99 20.24
CA GLY A 96 1.29 7.00 20.40
C GLY A 96 1.77 7.57 19.08
N ALA A 97 1.83 6.74 18.04
CA ALA A 97 2.23 7.24 16.73
C ALA A 97 1.19 8.20 16.17
N ALA A 98 -0.10 7.86 16.28
CA ALA A 98 -1.15 8.74 15.75
C ALA A 98 -1.23 10.03 16.55
N GLU A 99 -1.12 9.95 17.88
CA GLU A 99 -1.11 11.18 18.67
C GLU A 99 0.12 12.02 18.35
N TRP A 100 1.25 11.38 18.07
CA TRP A 100 2.45 12.11 17.70
C TRP A 100 2.23 12.90 16.41
N LEU A 101 1.58 12.29 15.42
CA LEU A 101 1.27 12.99 14.18
C LEU A 101 0.34 14.16 14.45
N ARG A 102 -0.64 13.98 15.33
CA ARG A 102 -1.62 15.02 15.58
C ARG A 102 -1.02 16.17 16.38
N ASP A 103 -0.15 15.86 17.34
CA ASP A 103 0.38 16.85 18.27
C ASP A 103 1.74 17.41 17.87
N TYR A 104 2.61 16.59 17.29
CA TYR A 104 3.94 17.07 16.92
C TYR A 104 4.00 17.52 15.46
N VAL A 105 3.63 16.64 14.54
CA VAL A 105 3.61 16.99 13.12
C VAL A 105 2.41 17.85 12.74
N LYS A 106 1.40 17.93 13.60
CA LYS A 106 0.19 18.72 13.36
C LYS A 106 -0.60 18.19 12.17
N VAL A 107 -0.65 16.87 12.04
CA VAL A 107 -1.52 16.24 11.04
C VAL A 107 -2.97 16.34 11.52
N GLU A 108 -3.86 16.69 10.59
CA GLU A 108 -5.28 16.85 10.91
C GLU A 108 -6.03 15.62 10.41
N PHE A 109 -6.52 14.82 11.35
CA PHE A 109 -7.42 13.72 11.04
C PHE A 109 -8.87 14.15 11.27
N TYR A 110 -9.78 13.47 10.59
CA TYR A 110 -11.20 13.75 10.81
C TYR A 110 -11.59 13.27 12.21
N PRO A 111 -12.36 14.07 12.95
CA PRO A 111 -12.71 13.68 14.33
C PRO A 111 -13.85 12.69 14.41
N ASP A 112 -14.67 12.58 13.36
CA ASP A 112 -15.90 11.77 13.40
C ASP A 112 -16.01 10.85 12.19
N GLN A 113 -14.87 10.40 11.66
CA GLN A 113 -14.85 9.56 10.48
C GLN A 113 -13.76 8.50 10.63
N LEU A 114 -14.12 7.25 10.33
CA LEU A 114 -13.16 6.16 10.26
C LEU A 114 -13.54 5.25 9.10
N PHE A 115 -12.60 4.40 8.71
CA PHE A 115 -12.85 3.40 7.69
C PHE A 115 -12.49 2.02 8.23
N GLN A 116 -13.25 1.02 7.80
CA GLN A 116 -13.02 -0.36 8.21
C GLN A 116 -12.56 -1.17 7.00
N PHE A 117 -11.26 -1.47 6.93
CA PHE A 117 -10.72 -2.26 5.85
C PHE A 117 -11.09 -3.73 6.05
N GLY A 118 -10.91 -4.53 4.98
CA GLY A 118 -11.18 -5.94 5.08
C GLY A 118 -10.29 -6.60 6.13
N GLY A 119 -10.88 -7.54 6.87
CA GLY A 119 -10.13 -8.28 7.87
C GLY A 119 -10.01 -7.61 9.22
N HIS A 120 -10.63 -6.46 9.42
CA HIS A 120 -10.59 -5.75 10.70
C HIS A 120 -11.92 -5.94 11.41
N SER A 121 -11.86 -6.46 12.64
CA SER A 121 -13.07 -6.77 13.39
C SER A 121 -13.79 -5.50 13.83
N VAL A 122 -13.06 -4.40 13.99
CA VAL A 122 -13.62 -3.12 14.41
C VAL A 122 -13.15 -2.05 13.45
N LYS A 123 -14.05 -1.13 13.10
CA LYS A 123 -13.67 0.04 12.31
C LYS A 123 -12.64 0.86 13.07
N ARG A 124 -11.43 0.98 12.52
CA ARG A 124 -10.35 1.58 13.28
C ARG A 124 -9.37 2.44 12.48
N ALA A 125 -9.54 2.61 11.18
CA ALA A 125 -8.57 3.34 10.37
C ALA A 125 -8.88 4.84 10.38
N LEU A 126 -7.96 5.63 10.92
CA LEU A 126 -8.09 7.07 10.89
C LEU A 126 -7.94 7.59 9.46
N ILE A 127 -8.60 8.71 9.19
CA ILE A 127 -8.62 9.30 7.86
C ILE A 127 -8.06 10.71 7.95
N PRO A 128 -7.02 11.05 7.20
CA PRO A 128 -6.51 12.43 7.22
C PRO A 128 -7.43 13.38 6.46
N LYS A 129 -7.39 14.64 6.85
CA LYS A 129 -8.20 15.66 6.18
C LYS A 129 -7.82 15.74 4.71
N GLY A 130 -8.82 15.56 3.84
CA GLY A 130 -8.61 15.55 2.41
C GLY A 130 -8.50 14.17 1.80
N HIS A 131 -8.48 13.12 2.62
CA HIS A 131 -8.43 11.73 2.14
C HIS A 131 -7.20 11.48 1.26
N THR A 132 -6.06 12.05 1.68
CA THR A 132 -4.85 11.95 0.88
C THR A 132 -3.62 11.92 1.79
N GLY A 133 -2.59 11.23 1.33
CA GLY A 133 -1.30 11.26 2.01
C GLY A 133 -0.59 12.59 1.94
N ALA A 134 -1.01 13.48 1.02
CA ALA A 134 -0.38 14.78 0.92
C ALA A 134 -0.58 15.59 2.19
N GLU A 135 -1.66 15.34 2.93
CA GLU A 135 -1.85 16.02 4.21
C GLU A 135 -0.73 15.67 5.19
N VAL A 136 -0.28 14.42 5.17
CA VAL A 136 0.78 13.99 6.07
C VAL A 136 2.13 14.52 5.59
N ILE A 137 2.42 14.38 4.30
CA ILE A 137 3.73 14.76 3.78
C ILE A 137 3.93 16.27 3.84
N SER A 138 2.86 17.04 3.58
CA SER A 138 2.97 18.49 3.67
C SER A 138 3.30 18.92 5.11
N LYS A 139 2.61 18.33 6.09
CA LYS A 139 2.91 18.65 7.48
C LYS A 139 4.30 18.16 7.89
N PHE A 140 4.77 17.06 7.31
CA PHE A 140 6.11 16.58 7.60
C PHE A 140 7.17 17.58 7.16
N SER A 141 7.09 18.02 5.90
CA SER A 141 8.12 18.92 5.38
C SER A 141 8.04 20.29 6.03
N ILE A 142 6.84 20.73 6.40
CA ILE A 142 6.71 21.97 7.16
C ILE A 142 7.39 21.83 8.51
N LYS A 143 7.13 20.71 9.20
CA LYS A 143 7.77 20.47 10.49
C LYS A 143 9.27 20.28 10.33
N ALA A 144 9.70 19.60 9.26
CA ALA A 144 11.13 19.40 9.03
C ALA A 144 11.84 20.73 8.80
N ASP A 145 11.18 21.67 8.12
CA ASP A 145 11.78 22.98 7.92
C ASP A 145 11.86 23.74 9.24
N GLU A 146 10.87 23.57 10.12
CA GLU A 146 10.89 24.28 11.39
C GLU A 146 11.99 23.77 12.30
N VAL A 147 12.24 22.45 12.30
CA VAL A 147 13.24 21.86 13.19
C VAL A 147 14.61 21.75 12.54
N GLY A 148 14.76 22.18 11.30
CA GLY A 148 16.06 22.14 10.64
C GLY A 148 16.49 20.79 10.15
N LEU A 149 15.61 20.03 9.50
CA LEU A 149 15.94 18.73 8.95
C LEU A 149 16.12 18.86 7.45
N PRO A 150 17.35 18.88 6.93
CA PRO A 150 17.55 19.10 5.50
C PRO A 150 17.14 17.89 4.68
N ILE A 151 16.49 18.16 3.55
CA ILE A 151 16.07 17.12 2.61
C ILE A 151 16.75 17.39 1.27
N HIS A 152 17.55 16.43 0.82
CA HIS A 152 18.29 16.55 -0.43
C HIS A 152 17.59 15.73 -1.49
N THR A 153 16.87 16.41 -2.39
CA THR A 153 16.24 15.72 -3.49
C THR A 153 17.26 15.48 -4.61
N ASN A 154 16.85 14.68 -5.59
CA ASN A 154 17.73 14.31 -6.71
C ASN A 154 19.05 13.76 -6.21
N THR A 155 19.00 13.01 -5.11
CA THR A 155 20.19 12.41 -4.50
C THR A 155 19.88 10.93 -4.27
N LYS A 156 20.43 10.08 -5.12
CA LYS A 156 20.14 8.65 -5.12
C LYS A 156 21.23 7.90 -4.37
N ALA A 157 20.86 7.22 -3.29
CA ALA A 157 21.80 6.36 -2.59
C ALA A 157 22.12 5.14 -3.44
N GLU A 158 23.40 4.77 -3.51
CA GLU A 158 23.82 3.65 -4.34
C GLU A 158 24.73 2.66 -3.64
N LYS A 159 25.37 3.02 -2.53
CA LYS A 159 26.29 2.11 -1.86
C LYS A 159 26.33 2.46 -0.38
N LEU A 160 26.27 1.43 0.45
CA LEU A 160 26.46 1.58 1.89
C LEU A 160 27.95 1.48 2.21
N ILE A 161 28.43 2.41 3.03
CA ILE A 161 29.83 2.45 3.42
C ILE A 161 30.00 1.63 4.70
N GLN A 162 30.81 0.57 4.62
CA GLN A 162 31.05 -0.32 5.74
C GLN A 162 32.54 -0.26 6.08
N ASP A 163 32.85 -0.10 7.36
CA ASP A 163 34.24 0.06 7.77
C ASP A 163 34.86 -1.30 8.07
N GLN A 164 36.08 -1.27 8.64
CA GLN A 164 36.85 -2.47 8.86
C GLN A 164 36.17 -3.42 9.83
N THR A 165 35.51 -2.87 10.85
CA THR A 165 34.83 -3.67 11.86
C THR A 165 33.47 -4.19 11.40
N GLY A 166 32.99 -3.76 10.24
CA GLY A 166 31.68 -4.15 9.76
C GLY A 166 30.57 -3.18 10.06
N ARG A 167 30.87 -2.07 10.73
CA ARG A 167 29.86 -1.07 11.04
C ARG A 167 29.54 -0.24 9.82
N ILE A 168 28.27 0.05 9.62
CA ILE A 168 27.83 0.90 8.51
C ILE A 168 28.09 2.35 8.91
N VAL A 169 29.01 3.00 8.20
CA VAL A 169 29.51 4.32 8.60
C VAL A 169 29.05 5.42 7.67
N GLY A 170 28.28 5.12 6.63
CA GLY A 170 27.81 6.18 5.77
C GLY A 170 27.22 5.65 4.48
N VAL A 171 26.86 6.61 3.62
CA VAL A 171 26.17 6.34 2.36
C VAL A 171 26.90 7.06 1.23
N GLU A 172 27.07 6.37 0.11
CA GLU A 172 27.57 6.97 -1.11
C GLU A 172 26.40 7.17 -2.06
N ALA A 173 26.16 8.42 -2.46
CA ALA A 173 25.02 8.78 -3.27
C ALA A 173 25.48 9.51 -4.53
N ALA A 174 24.55 9.63 -5.47
CA ALA A 174 24.80 10.30 -6.74
C ALA A 174 23.90 11.51 -6.84
N HIS A 175 24.51 12.69 -7.03
CA HIS A 175 23.76 13.93 -7.16
C HIS A 175 24.44 14.77 -8.24
N ASN A 176 23.73 14.99 -9.35
CA ASN A 176 24.22 15.83 -10.45
C ASN A 176 25.49 15.26 -11.07
N GLY A 177 25.42 13.99 -11.46
CA GLY A 177 26.56 13.28 -12.00
C GLY A 177 27.71 13.06 -11.05
N LYS A 178 27.65 13.55 -9.81
CA LYS A 178 28.80 13.55 -8.91
C LYS A 178 28.56 12.66 -7.71
N THR A 179 29.65 12.17 -7.13
CA THR A 179 29.61 11.19 -6.04
C THR A 179 29.66 11.90 -4.69
N ILE A 180 28.53 11.90 -3.99
CA ILE A 180 28.43 12.52 -2.68
C ILE A 180 28.66 11.45 -1.62
N THR A 181 29.52 11.75 -0.65
CA THR A 181 29.76 10.87 0.48
C THR A 181 29.04 11.43 1.70
N TYR A 182 28.17 10.61 2.28
CA TYR A 182 27.41 10.99 3.47
C TYR A 182 27.95 10.19 4.64
N HIS A 183 28.78 10.84 5.47
CA HIS A 183 29.31 10.19 6.68
C HIS A 183 28.25 10.18 7.76
N ALA A 184 27.93 9.00 8.28
CA ALA A 184 26.92 8.84 9.33
C ALA A 184 27.61 8.40 10.61
N LYS A 185 27.73 9.32 11.56
CA LYS A 185 28.48 9.03 12.78
C LYS A 185 27.74 8.04 13.68
N ARG A 186 26.41 8.07 13.68
CA ARG A 186 25.62 7.22 14.57
C ARG A 186 24.85 6.13 13.85
N GLY A 187 24.22 6.41 12.71
CA GLY A 187 23.49 5.36 12.03
C GLY A 187 23.00 5.79 10.67
N VAL A 188 22.63 4.79 9.88
CA VAL A 188 21.98 4.97 8.58
C VAL A 188 20.61 4.31 8.66
N VAL A 189 19.58 5.01 8.18
CA VAL A 189 18.21 4.49 8.20
C VAL A 189 17.79 4.27 6.75
N ILE A 190 17.41 3.03 6.43
CA ILE A 190 16.92 2.69 5.10
C ILE A 190 15.39 2.77 5.13
N ALA A 191 14.84 3.76 4.44
CA ALA A 191 13.40 4.00 4.39
C ALA A 191 12.93 4.16 2.94
N THR A 192 13.32 3.22 2.09
CA THR A 192 13.19 3.37 0.65
C THR A 192 11.91 2.78 0.07
N GLY A 193 11.06 2.17 0.89
CA GLY A 193 9.82 1.62 0.39
C GLY A 193 10.00 0.24 -0.22
N GLY A 194 9.02 -0.15 -1.04
CA GLY A 194 9.01 -1.45 -1.67
C GLY A 194 9.48 -1.40 -3.11
N PHE A 195 9.24 -2.51 -3.82
CA PHE A 195 9.68 -2.65 -5.20
C PHE A 195 8.53 -3.02 -6.13
N SER A 196 7.34 -2.48 -5.87
CA SER A 196 6.18 -2.79 -6.72
C SER A 196 6.36 -2.28 -8.15
N SER A 197 7.22 -1.28 -8.36
CA SER A 197 7.46 -0.72 -9.69
C SER A 197 8.73 -1.26 -10.33
N ASN A 198 9.29 -2.34 -9.78
CA ASN A 198 10.49 -2.98 -10.31
C ASN A 198 10.07 -4.35 -10.83
N MET A 199 9.76 -4.40 -12.13
CA MET A 199 9.19 -5.60 -12.73
C MET A 199 10.18 -6.75 -12.72
N GLU A 200 11.46 -6.46 -12.98
CA GLU A 200 12.47 -7.50 -13.07
C GLU A 200 12.79 -8.08 -11.70
N MET A 201 12.78 -7.24 -10.66
CA MET A 201 12.92 -7.78 -9.31
C MET A 201 11.69 -8.57 -8.91
N ARG A 202 10.51 -8.10 -9.31
CA ARG A 202 9.28 -8.84 -9.05
C ARG A 202 9.35 -10.24 -9.65
N LYS A 203 9.79 -10.34 -10.91
CA LYS A 203 9.87 -11.64 -11.56
C LYS A 203 10.90 -12.53 -10.91
N LYS A 204 11.96 -11.94 -10.34
CA LYS A 204 13.01 -12.72 -9.71
C LYS A 204 12.48 -13.59 -8.58
N TYR A 205 11.57 -13.04 -7.78
CA TYR A 205 11.02 -13.78 -6.64
C TYR A 205 9.63 -14.33 -6.92
N ASN A 206 9.06 -14.04 -8.08
CA ASN A 206 7.79 -14.58 -8.50
C ASN A 206 7.65 -14.36 -10.00
N PRO A 207 7.95 -15.37 -10.82
CA PRO A 207 7.93 -15.15 -12.27
C PRO A 207 6.56 -14.77 -12.82
N GLU A 208 5.50 -14.86 -12.01
CA GLU A 208 4.17 -14.50 -12.46
C GLU A 208 3.88 -13.00 -12.34
N LEU A 209 4.77 -12.23 -11.74
CA LEU A 209 4.56 -10.78 -11.60
C LEU A 209 5.15 -10.02 -12.79
N ASP A 210 4.85 -10.48 -14.00
CA ASP A 210 5.39 -9.84 -15.19
C ASP A 210 4.44 -8.77 -15.71
N GLU A 211 4.30 -8.69 -17.04
CA GLU A 211 3.52 -7.62 -17.65
C GLU A 211 2.03 -7.73 -17.36
N ARG A 212 1.56 -8.89 -16.90
CA ARG A 212 0.15 -9.04 -16.58
C ARG A 212 -0.23 -8.33 -15.29
N TYR A 213 0.75 -7.82 -14.55
CA TYR A 213 0.52 -6.96 -13.39
C TYR A 213 1.05 -5.57 -13.69
N GLY A 214 0.28 -4.55 -13.31
CA GLY A 214 0.76 -3.19 -13.27
C GLY A 214 1.36 -2.87 -11.91
N SER A 215 1.59 -1.58 -11.68
CA SER A 215 2.01 -1.09 -10.38
C SER A 215 1.12 0.08 -9.98
N THR A 216 0.57 0.01 -8.76
CA THR A 216 -0.24 1.11 -8.25
C THR A 216 0.60 2.22 -7.65
N GLY A 217 1.91 2.06 -7.57
CA GLY A 217 2.77 3.01 -6.89
C GLY A 217 3.57 3.89 -7.85
N HIS A 218 4.43 4.70 -7.25
CA HIS A 218 5.25 5.64 -8.00
C HIS A 218 6.42 4.93 -8.67
N ALA A 219 7.08 5.64 -9.59
CA ALA A 219 8.17 5.05 -10.36
C ALA A 219 9.40 4.77 -9.51
N GLY A 220 9.57 5.47 -8.39
CA GLY A 220 10.78 5.30 -7.59
C GLY A 220 10.82 4.06 -6.74
N GLY A 221 9.68 3.41 -6.52
CA GLY A 221 9.65 2.21 -5.69
C GLY A 221 10.26 1.01 -6.38
N THR A 222 11.58 0.95 -6.44
CA THR A 222 12.29 -0.06 -7.22
C THR A 222 13.16 -0.97 -6.37
N GLY A 223 13.01 -0.95 -5.04
CA GLY A 223 13.75 -1.86 -4.19
C GLY A 223 15.24 -1.59 -4.08
N ASP A 224 15.65 -0.33 -4.23
CA ASP A 224 17.07 0.01 -4.11
C ASP A 224 17.61 -0.32 -2.72
N GLY A 225 16.78 -0.16 -1.69
CA GLY A 225 17.24 -0.39 -0.34
C GLY A 225 17.61 -1.83 -0.06
N ILE A 226 16.91 -2.77 -0.69
CA ILE A 226 17.20 -4.18 -0.47
C ILE A 226 18.51 -4.58 -1.15
N VAL A 227 18.72 -4.11 -2.38
CA VAL A 227 19.96 -4.42 -3.09
C VAL A 227 21.16 -3.80 -2.38
N MET A 228 21.03 -2.55 -1.93
CA MET A 228 22.10 -1.89 -1.19
C MET A 228 22.48 -2.69 0.05
N ALA A 229 21.49 -3.01 0.90
CA ALA A 229 21.79 -3.69 2.15
C ALA A 229 22.30 -5.11 1.93
N GLU A 230 21.82 -5.79 0.89
CA GLU A 230 22.26 -7.16 0.65
C GLU A 230 23.72 -7.22 0.25
N LYS A 231 24.25 -6.15 -0.35
CA LYS A 231 25.65 -6.16 -0.76
C LYS A 231 26.61 -6.07 0.43
N ILE A 232 26.14 -5.60 1.58
CA ILE A 232 26.92 -5.70 2.81
C ILE A 232 26.43 -6.85 3.68
N HIS A 233 25.73 -7.82 3.08
CA HIS A 233 25.36 -9.10 3.70
C HIS A 233 24.22 -8.95 4.71
N ALA A 234 23.24 -8.11 4.39
CA ALA A 234 22.01 -8.07 5.16
C ALA A 234 21.05 -9.13 4.65
N ALA A 235 20.17 -9.58 5.54
CA ALA A 235 19.23 -10.64 5.21
C ALA A 235 17.93 -10.05 4.67
N ALA A 236 17.36 -10.72 3.68
CA ALA A 236 16.03 -10.39 3.16
C ALA A 236 15.17 -11.65 3.19
N LYS A 237 13.92 -11.49 3.58
CA LYS A 237 13.00 -12.60 3.74
C LYS A 237 11.67 -12.27 3.09
N ASN A 238 10.95 -13.33 2.68
CA ASN A 238 9.56 -13.22 2.24
C ASN A 238 9.42 -12.35 0.99
N MET A 239 10.47 -12.28 0.17
CA MET A 239 10.45 -11.42 -1.00
C MET A 239 9.35 -11.78 -1.97
N GLY A 240 8.80 -12.98 -1.89
CA GLY A 240 7.70 -13.39 -2.75
C GLY A 240 6.33 -13.03 -2.26
N TYR A 241 6.19 -12.59 -1.00
CA TYR A 241 4.90 -12.18 -0.47
C TYR A 241 4.57 -10.81 -1.03
N ILE A 242 3.59 -10.76 -1.93
CA ILE A 242 3.23 -9.55 -2.65
C ILE A 242 1.72 -9.33 -2.54
N GLN A 243 1.33 -8.08 -2.32
CA GLN A 243 -0.08 -7.71 -2.25
C GLN A 243 -0.50 -7.07 -3.56
N SER A 244 -1.62 -7.52 -4.11
CA SER A 244 -2.13 -7.02 -5.37
C SER A 244 -3.49 -6.36 -5.15
N TYR A 245 -3.89 -5.52 -6.11
CA TYR A 245 -5.26 -5.06 -6.18
C TYR A 245 -5.86 -5.51 -7.50
N PRO A 246 -7.02 -6.17 -7.48
CA PRO A 246 -7.49 -6.86 -8.69
C PRO A 246 -8.07 -5.95 -9.77
N ILE A 247 -8.66 -4.82 -9.39
CA ILE A 247 -9.36 -3.99 -10.37
C ILE A 247 -8.62 -2.69 -10.63
N CYS A 248 -7.73 -2.70 -11.62
CA CYS A 248 -6.88 -1.57 -11.90
C CYS A 248 -6.97 -1.23 -13.39
N SER A 249 -6.54 -0.01 -13.72
CA SER A 249 -6.55 0.41 -15.11
C SER A 249 -5.54 -0.39 -15.91
N PRO A 250 -5.94 -1.01 -17.02
CA PRO A 250 -4.95 -1.69 -17.86
C PRO A 250 -3.92 -0.74 -18.46
N THR A 251 -4.23 0.55 -18.59
CA THR A 251 -3.28 1.48 -19.17
C THR A 251 -2.24 1.94 -18.16
N SER A 252 -2.70 2.48 -17.03
CA SER A 252 -1.82 3.08 -16.04
C SER A 252 -1.42 2.15 -14.90
N GLY A 253 -2.22 1.12 -14.62
CA GLY A 253 -2.01 0.28 -13.47
C GLY A 253 -2.57 0.83 -12.17
N ALA A 254 -3.16 2.02 -12.19
CA ALA A 254 -3.70 2.61 -10.97
C ALA A 254 -4.99 1.93 -10.57
N ILE A 255 -5.29 2.00 -9.26
CA ILE A 255 -6.52 1.42 -8.74
C ILE A 255 -7.72 2.13 -9.33
N ALA A 256 -8.65 1.36 -9.90
CA ALA A 256 -9.84 1.90 -10.56
C ALA A 256 -10.91 2.18 -9.52
N LEU A 257 -10.90 3.40 -8.97
CA LEU A 257 -11.86 3.78 -7.94
C LEU A 257 -13.29 3.83 -8.46
N ILE A 258 -13.49 4.02 -9.77
CA ILE A 258 -14.85 4.01 -10.30
C ILE A 258 -15.48 2.63 -10.21
N ALA A 259 -14.67 1.59 -10.06
CA ALA A 259 -15.16 0.22 -9.93
C ALA A 259 -15.35 -0.19 -8.48
N ASP A 260 -15.45 0.77 -7.55
CA ASP A 260 -15.86 0.48 -6.18
C ASP A 260 -17.32 0.06 -6.09
N SER A 261 -18.05 0.05 -7.21
CA SER A 261 -19.38 -0.55 -7.24
C SER A 261 -19.35 -2.02 -6.91
N ARG A 262 -18.16 -2.65 -7.00
CA ARG A 262 -18.00 -4.03 -6.58
C ARG A 262 -18.53 -4.25 -5.17
N PHE A 263 -18.39 -3.26 -4.29
CA PHE A 263 -18.90 -3.34 -2.93
C PHE A 263 -20.38 -3.01 -2.83
N PHE A 264 -21.08 -2.88 -3.96
CA PHE A 264 -22.49 -2.53 -3.94
C PHE A 264 -23.34 -3.36 -4.88
N GLY A 265 -22.77 -4.37 -5.54
CA GLY A 265 -23.55 -5.23 -6.41
C GLY A 265 -22.94 -5.48 -7.77
N ALA A 266 -21.86 -4.78 -8.12
CA ALA A 266 -21.22 -5.00 -9.41
C ALA A 266 -20.69 -6.43 -9.49
N VAL A 267 -20.78 -7.00 -10.69
CA VAL A 267 -20.35 -8.37 -10.92
C VAL A 267 -19.13 -8.38 -11.82
N LEU A 268 -18.27 -9.38 -11.64
CA LEU A 268 -17.10 -9.58 -12.48
C LEU A 268 -17.43 -10.60 -13.55
N ILE A 269 -17.20 -10.25 -14.81
CA ILE A 269 -17.53 -11.09 -15.95
C ILE A 269 -16.29 -11.29 -16.80
N ASN A 270 -16.06 -12.52 -17.27
CA ASN A 270 -14.93 -12.79 -18.13
C ASN A 270 -15.36 -12.68 -19.59
N GLN A 271 -14.43 -12.98 -20.51
CA GLN A 271 -14.71 -12.86 -21.94
C GLN A 271 -15.79 -13.84 -22.40
N LYS A 272 -15.99 -14.95 -21.68
CA LYS A 272 -17.03 -15.91 -22.05
C LYS A 272 -18.43 -15.47 -21.63
N GLY A 273 -18.56 -14.38 -20.87
CA GLY A 273 -19.85 -13.96 -20.39
C GLY A 273 -20.29 -14.59 -19.09
N GLU A 274 -19.35 -15.06 -18.28
CA GLU A 274 -19.67 -15.80 -17.07
C GLU A 274 -19.02 -15.15 -15.86
N ARG A 275 -19.63 -15.36 -14.70
CA ARG A 275 -18.96 -15.04 -13.46
C ARG A 275 -17.99 -16.15 -13.11
N PHE A 276 -16.95 -15.80 -12.37
CA PHE A 276 -15.86 -16.73 -12.11
C PHE A 276 -15.31 -16.64 -10.70
N VAL A 277 -15.77 -15.71 -9.88
CA VAL A 277 -15.22 -15.51 -8.54
C VAL A 277 -16.21 -14.68 -7.75
N GLU A 278 -16.27 -14.92 -6.44
CA GLU A 278 -17.04 -14.05 -5.56
C GLU A 278 -16.43 -12.66 -5.57
N GLU A 279 -17.25 -11.65 -5.87
CA GLU A 279 -16.75 -10.30 -6.03
C GLU A 279 -16.23 -9.70 -4.74
N LEU A 280 -16.45 -10.36 -3.60
CA LEU A 280 -16.02 -9.86 -2.30
C LEU A 280 -15.00 -10.78 -1.65
N GLU A 281 -14.25 -11.53 -2.45
CA GLU A 281 -13.18 -12.36 -1.93
C GLU A 281 -11.99 -11.50 -1.55
N ARG A 282 -10.93 -12.16 -1.08
CA ARG A 282 -9.68 -11.45 -0.80
C ARG A 282 -9.11 -10.88 -2.10
N ARG A 283 -8.42 -9.75 -1.98
CA ARG A 283 -7.90 -9.07 -3.16
C ARG A 283 -6.94 -9.96 -3.95
N ASP A 284 -6.10 -10.72 -3.25
CA ASP A 284 -5.20 -11.64 -3.93
C ASP A 284 -5.97 -12.78 -4.58
N VAL A 285 -7.05 -13.24 -3.94
CA VAL A 285 -7.86 -14.31 -4.52
C VAL A 285 -8.53 -13.84 -5.80
N ILE A 286 -9.02 -12.60 -5.82
CA ILE A 286 -9.68 -12.09 -7.02
C ILE A 286 -8.66 -11.89 -8.15
N SER A 287 -7.48 -11.36 -7.82
CA SER A 287 -6.46 -11.15 -8.85
C SER A 287 -6.05 -12.46 -9.50
N HIS A 288 -5.78 -13.48 -8.67
CA HIS A 288 -5.42 -14.78 -9.20
C HIS A 288 -6.54 -15.37 -10.07
N ALA A 289 -7.79 -15.17 -9.64
CA ALA A 289 -8.92 -15.61 -10.46
C ALA A 289 -8.99 -14.84 -11.78
N ILE A 290 -8.69 -13.54 -11.74
CA ILE A 290 -8.72 -12.75 -12.97
C ILE A 290 -7.67 -13.25 -13.95
N LEU A 291 -6.49 -13.62 -13.44
CA LEU A 291 -5.43 -14.10 -14.30
C LEU A 291 -5.68 -15.51 -14.83
N ALA A 292 -6.68 -16.21 -14.30
CA ALA A 292 -7.06 -17.52 -14.82
C ALA A 292 -8.11 -17.45 -15.91
N GLN A 293 -8.65 -16.26 -16.19
CA GLN A 293 -9.69 -16.08 -17.20
C GLN A 293 -9.06 -15.86 -18.57
N PRO A 294 -9.85 -16.05 -19.65
CA PRO A 294 -9.31 -15.81 -21.00
C PRO A 294 -8.81 -14.38 -21.16
N GLY A 295 -7.55 -14.25 -21.60
CA GLY A 295 -6.93 -12.96 -21.81
C GLY A 295 -6.27 -12.35 -20.60
N ARG A 296 -6.50 -12.91 -19.40
CA ARG A 296 -5.95 -12.41 -18.14
C ARG A 296 -6.53 -11.05 -17.76
N TYR A 297 -7.76 -10.76 -18.17
CA TYR A 297 -8.47 -9.57 -17.73
C TYR A 297 -9.89 -9.95 -17.33
N THR A 298 -10.59 -8.98 -16.73
CA THR A 298 -11.97 -9.17 -16.31
C THR A 298 -12.78 -7.95 -16.71
N TYR A 299 -14.09 -8.14 -16.70
CA TYR A 299 -15.03 -7.04 -16.88
C TYR A 299 -15.74 -6.75 -15.57
N VAL A 300 -16.06 -5.49 -15.35
CA VAL A 300 -16.85 -5.04 -14.21
C VAL A 300 -18.13 -4.40 -14.74
N LEU A 301 -19.28 -4.86 -14.25
CA LEU A 301 -20.57 -4.49 -14.82
C LEU A 301 -21.56 -4.16 -13.71
N TRP A 302 -22.17 -2.98 -13.81
CA TRP A 302 -23.23 -2.58 -12.90
C TRP A 302 -24.18 -1.65 -13.64
N ASN A 303 -25.21 -1.18 -12.94
CA ASN A 303 -26.26 -0.40 -13.58
C ASN A 303 -26.55 0.85 -12.76
N GLN A 304 -27.54 1.62 -13.22
CA GLN A 304 -27.90 2.87 -12.56
C GLN A 304 -28.37 2.63 -11.14
N ASP A 305 -29.08 1.52 -10.90
CA ASP A 305 -29.53 1.20 -9.55
C ASP A 305 -28.36 1.18 -8.58
N ILE A 306 -27.25 0.56 -8.98
CA ILE A 306 -26.08 0.50 -8.10
C ILE A 306 -25.41 1.87 -7.98
N GLU A 307 -25.32 2.60 -9.10
CA GLU A 307 -24.75 3.94 -9.05
C GLU A 307 -25.55 4.85 -8.12
N ASN A 308 -26.87 4.67 -8.07
CA ASN A 308 -27.71 5.43 -7.14
C ASN A 308 -27.35 5.13 -5.69
N VAL A 309 -26.62 4.04 -5.44
CA VAL A 309 -26.20 3.68 -4.09
C VAL A 309 -24.70 3.88 -3.89
N ALA A 310 -23.90 3.61 -4.92
CA ALA A 310 -22.45 3.66 -4.81
C ALA A 310 -21.89 5.03 -5.19
N HIS A 311 -22.48 5.70 -6.17
CA HIS A 311 -22.07 7.02 -6.64
C HIS A 311 -20.63 7.03 -7.13
N THR A 312 -20.09 5.87 -7.52
CA THR A 312 -18.69 5.82 -7.93
C THR A 312 -18.47 6.51 -9.27
N VAL A 313 -19.46 6.46 -10.17
CA VAL A 313 -19.34 7.18 -11.43
C VAL A 313 -19.38 8.68 -11.20
N GLU A 314 -20.26 9.13 -10.30
CA GLU A 314 -20.36 10.55 -10.02
C GLU A 314 -19.12 11.08 -9.32
N MET A 315 -18.54 10.29 -8.41
CA MET A 315 -17.40 10.76 -7.62
C MET A 315 -16.06 10.62 -8.34
N HIS A 316 -16.03 10.00 -9.53
CA HIS A 316 -14.78 9.77 -10.25
C HIS A 316 -15.03 10.01 -11.74
N GLN A 317 -15.29 11.27 -12.08
CA GLN A 317 -15.54 11.62 -13.48
C GLN A 317 -14.27 11.55 -14.30
N GLY A 318 -13.12 11.80 -13.69
CA GLY A 318 -11.86 11.69 -14.41
C GLY A 318 -11.61 10.30 -14.94
N GLU A 319 -11.79 9.28 -14.09
CA GLU A 319 -11.66 7.90 -14.55
C GLU A 319 -12.70 7.58 -15.60
N LEU A 320 -13.93 8.09 -15.43
CA LEU A 320 -14.97 7.86 -16.43
C LEU A 320 -14.54 8.39 -17.79
N LYS A 321 -14.01 9.62 -17.82
CA LYS A 321 -13.60 10.21 -19.10
C LYS A 321 -12.40 9.47 -19.68
N GLU A 322 -11.44 9.08 -18.83
CA GLU A 322 -10.23 8.45 -19.35
C GLU A 322 -10.52 7.03 -19.85
N PHE A 323 -11.19 6.22 -19.05
CA PHE A 323 -11.48 4.84 -19.43
C PHE A 323 -12.34 4.80 -20.69
N THR A 324 -13.33 5.68 -20.79
CA THR A 324 -14.18 5.71 -21.98
C THR A 324 -13.39 6.18 -23.20
N LYS A 325 -12.55 7.20 -23.03
CA LYS A 325 -11.75 7.69 -24.14
C LYS A 325 -10.82 6.60 -24.66
N ASP A 326 -10.22 5.82 -23.76
CA ASP A 326 -9.30 4.76 -24.13
C ASP A 326 -9.99 3.50 -24.61
N GLY A 327 -11.32 3.48 -24.67
CA GLY A 327 -12.04 2.31 -25.14
C GLY A 327 -12.09 1.16 -24.17
N LEU A 328 -11.87 1.41 -22.87
CA LEU A 328 -11.92 0.37 -21.86
C LEU A 328 -13.13 0.50 -20.95
N MET A 329 -14.11 1.31 -21.33
CA MET A 329 -15.32 1.47 -20.54
C MET A 329 -16.41 2.04 -21.42
N TYR A 330 -17.61 1.48 -21.30
CA TYR A 330 -18.76 1.91 -22.06
C TYR A 330 -19.95 2.08 -21.12
N LYS A 331 -20.79 3.06 -21.44
CA LYS A 331 -22.11 3.18 -20.84
C LYS A 331 -23.12 2.83 -21.93
N VAL A 332 -23.97 1.83 -21.65
CA VAL A 332 -24.91 1.31 -22.63
C VAL A 332 -26.28 1.21 -22.00
N ASP A 333 -27.29 1.09 -22.85
CA ASP A 333 -28.67 1.02 -22.39
C ASP A 333 -29.13 -0.39 -22.04
N THR A 334 -28.60 -1.40 -22.73
CA THR A 334 -29.07 -2.77 -22.58
C THR A 334 -27.88 -3.69 -22.34
N LEU A 335 -28.18 -4.90 -21.84
CA LEU A 335 -27.15 -5.91 -21.68
C LEU A 335 -26.65 -6.42 -23.02
N GLU A 336 -27.53 -6.47 -24.02
CA GLU A 336 -27.11 -6.83 -25.37
C GLU A 336 -26.03 -5.87 -25.87
N GLU A 337 -26.23 -4.56 -25.64
CA GLU A 337 -25.21 -3.59 -25.99
C GLU A 337 -23.93 -3.82 -25.21
N ALA A 338 -24.05 -4.09 -23.91
CA ALA A 338 -22.87 -4.34 -23.09
C ALA A 338 -22.07 -5.54 -23.59
N ALA A 339 -22.75 -6.54 -24.15
CA ALA A 339 -22.03 -7.68 -24.71
C ALA A 339 -21.29 -7.30 -25.99
N LYS A 340 -21.94 -6.56 -26.88
CA LYS A 340 -21.39 -6.34 -28.21
C LYS A 340 -20.21 -5.38 -28.20
N VAL A 341 -20.20 -4.39 -27.29
CA VAL A 341 -19.10 -3.44 -27.25
C VAL A 341 -17.79 -4.14 -26.90
N PHE A 342 -17.85 -5.28 -26.22
CA PHE A 342 -16.67 -6.05 -25.85
C PHE A 342 -16.68 -7.45 -26.44
N ASN A 343 -17.59 -7.72 -27.37
CA ASN A 343 -17.68 -9.01 -28.06
C ASN A 343 -17.76 -10.16 -27.06
N ILE A 344 -18.60 -9.97 -26.06
CA ILE A 344 -18.96 -11.01 -25.12
C ILE A 344 -20.11 -11.80 -25.73
N PRO A 345 -20.10 -13.13 -25.68
CA PRO A 345 -21.24 -13.90 -26.17
C PRO A 345 -22.53 -13.47 -25.47
N GLU A 346 -23.47 -12.97 -26.27
CA GLU A 346 -24.66 -12.33 -25.72
C GLU A 346 -25.53 -13.32 -24.95
N ASP A 347 -25.80 -14.48 -25.54
CA ASP A 347 -26.71 -15.43 -24.89
C ASP A 347 -26.15 -15.90 -23.55
N LYS A 348 -24.83 -16.13 -23.49
CA LYS A 348 -24.22 -16.58 -22.24
C LYS A 348 -24.23 -15.49 -21.18
N LEU A 349 -24.11 -14.22 -21.59
CA LEU A 349 -24.16 -13.13 -20.63
C LEU A 349 -25.57 -12.91 -20.12
N LEU A 350 -26.57 -12.96 -21.00
CA LEU A 350 -27.95 -12.79 -20.58
C LEU A 350 -28.34 -13.87 -19.58
N SER A 351 -27.88 -15.11 -19.81
CA SER A 351 -28.18 -16.18 -18.87
C SER A 351 -27.44 -16.00 -17.55
N THR A 352 -26.23 -15.44 -17.61
CA THR A 352 -25.47 -15.20 -16.38
C THR A 352 -26.16 -14.17 -15.51
N ILE A 353 -26.58 -13.05 -16.11
CA ILE A 353 -27.28 -12.03 -15.33
C ILE A 353 -28.62 -12.54 -14.83
N LYS A 354 -29.30 -13.38 -15.61
CA LYS A 354 -30.55 -13.98 -15.14
C LYS A 354 -30.32 -14.78 -13.86
N ASP A 355 -29.21 -15.52 -13.79
CA ASP A 355 -28.88 -16.24 -12.57
C ASP A 355 -28.61 -15.26 -11.43
N VAL A 356 -27.91 -14.16 -11.71
CA VAL A 356 -27.68 -13.15 -10.70
C VAL A 356 -29.01 -12.57 -10.21
N ASN A 357 -29.90 -12.26 -11.16
CA ASN A 357 -31.21 -11.74 -10.78
C ASN A 357 -31.97 -12.73 -9.90
N HIS A 358 -31.86 -14.02 -10.19
CA HIS A 358 -32.49 -15.00 -9.33
C HIS A 358 -31.81 -15.06 -7.97
N TYR A 359 -30.48 -15.03 -7.95
CA TYR A 359 -29.75 -15.05 -6.69
C TYR A 359 -30.11 -13.83 -5.84
N ALA A 360 -30.32 -12.68 -6.48
CA ALA A 360 -30.71 -11.48 -5.75
C ALA A 360 -32.12 -11.61 -5.22
N ALA A 361 -33.01 -12.25 -5.99
CA ALA A 361 -34.41 -12.37 -5.58
C ALA A 361 -34.63 -13.40 -4.48
N THR A 362 -33.66 -14.27 -4.23
CA THR A 362 -33.77 -15.29 -3.19
C THR A 362 -32.74 -15.14 -2.08
N GLY A 363 -31.82 -14.18 -2.20
CA GLY A 363 -30.83 -13.94 -1.17
C GLY A 363 -29.63 -14.87 -1.15
N LYS A 364 -29.63 -15.95 -1.93
CA LYS A 364 -28.53 -16.90 -1.95
C LYS A 364 -27.86 -16.89 -3.32
N ASP A 365 -26.56 -16.62 -3.34
CA ASP A 365 -25.75 -16.73 -4.55
C ASP A 365 -25.28 -18.18 -4.65
N GLU A 366 -26.02 -19.00 -5.41
CA GLU A 366 -25.69 -20.41 -5.53
C GLU A 366 -24.39 -20.66 -6.29
N ALA A 367 -23.85 -19.65 -6.96
CA ALA A 367 -22.68 -19.85 -7.81
C ALA A 367 -21.37 -19.54 -7.10
N PHE A 368 -21.32 -18.45 -6.33
CA PHE A 368 -20.07 -18.08 -5.68
C PHE A 368 -20.26 -17.59 -4.25
N ASN A 369 -21.45 -17.74 -3.68
CA ASN A 369 -21.69 -17.45 -2.25
C ASN A 369 -21.32 -16.01 -1.91
N HIS A 370 -21.84 -15.07 -2.69
CA HIS A 370 -21.66 -13.65 -2.42
C HIS A 370 -22.06 -13.32 -1.00
N ARG A 371 -21.11 -12.82 -0.21
CA ARG A 371 -21.31 -12.67 1.22
C ARG A 371 -22.18 -11.47 1.59
N SER A 372 -22.42 -10.55 0.67
CA SER A 372 -23.33 -9.43 0.92
C SER A 372 -24.69 -9.60 0.24
N GLY A 373 -24.76 -10.40 -0.81
CA GLY A 373 -25.99 -10.56 -1.54
C GLY A 373 -25.95 -9.80 -2.85
N LEU A 374 -26.21 -10.49 -3.96
CA LEU A 374 -26.22 -9.85 -5.26
C LEU A 374 -27.40 -8.88 -5.37
N VAL A 375 -27.32 -8.02 -6.37
CA VAL A 375 -28.34 -6.99 -6.62
C VAL A 375 -28.89 -7.20 -8.02
N ASP A 376 -30.21 -7.04 -8.17
CA ASP A 376 -30.85 -7.23 -9.46
C ASP A 376 -30.26 -6.33 -10.53
N LEU A 377 -30.12 -6.87 -11.74
CA LEU A 377 -29.54 -6.13 -12.86
C LEU A 377 -30.47 -6.17 -14.07
N SER A 378 -31.78 -6.15 -13.83
CA SER A 378 -32.73 -6.23 -14.94
C SER A 378 -32.81 -4.93 -15.71
N LYS A 379 -32.75 -3.79 -15.03
CA LYS A 379 -32.90 -2.49 -15.65
C LYS A 379 -31.54 -1.86 -15.92
N GLY A 380 -31.48 -1.03 -16.97
CA GLY A 380 -30.31 -0.27 -17.29
C GLY A 380 -30.51 1.21 -16.97
N PRO A 381 -29.59 2.07 -17.45
CA PRO A 381 -28.43 1.74 -18.27
C PRO A 381 -27.34 1.02 -17.48
N TYR A 382 -26.28 0.58 -18.16
CA TYR A 382 -25.20 -0.17 -17.57
C TYR A 382 -23.87 0.50 -17.85
N TRP A 383 -22.92 0.32 -16.93
CA TRP A 383 -21.51 0.59 -17.17
C TRP A 383 -20.76 -0.73 -17.20
N ILE A 384 -19.88 -0.90 -18.17
CA ILE A 384 -19.04 -2.08 -18.25
C ILE A 384 -17.59 -1.63 -18.45
N LEU A 385 -16.70 -2.19 -17.65
CA LEU A 385 -15.32 -1.72 -17.55
C LEU A 385 -14.37 -2.92 -17.64
N LYS A 386 -13.24 -2.72 -18.31
CA LYS A 386 -12.21 -3.73 -18.46
C LYS A 386 -11.04 -3.42 -17.53
N ALA A 387 -10.64 -4.40 -16.73
CA ALA A 387 -9.65 -4.16 -15.68
C ALA A 387 -8.67 -5.33 -15.58
N THR A 388 -7.48 -5.03 -15.08
CA THR A 388 -6.42 -6.00 -14.86
C THR A 388 -5.80 -5.71 -13.50
N PRO A 389 -5.18 -6.71 -12.87
CA PRO A 389 -4.58 -6.50 -11.55
C PRO A 389 -3.26 -5.74 -11.63
N SER A 390 -2.86 -5.19 -10.49
CA SER A 390 -1.58 -4.50 -10.35
C SER A 390 -0.96 -4.81 -8.99
N VAL A 391 0.37 -4.91 -8.98
CA VAL A 391 1.10 -5.13 -7.73
C VAL A 391 0.99 -3.88 -6.88
N HIS A 392 0.61 -4.07 -5.61
CA HIS A 392 0.31 -2.97 -4.71
C HIS A 392 1.29 -2.81 -3.57
N HIS A 393 1.74 -3.90 -2.96
CA HIS A 393 2.60 -3.83 -1.78
C HIS A 393 3.52 -5.03 -1.74
N THR A 394 4.81 -4.79 -1.54
CA THR A 394 5.81 -5.86 -1.40
C THR A 394 6.05 -6.08 0.08
N MET A 395 5.39 -7.10 0.64
CA MET A 395 5.48 -7.36 2.08
C MET A 395 6.88 -7.79 2.51
N GLY A 396 7.66 -8.37 1.60
CA GLY A 396 9.00 -8.81 1.93
C GLY A 396 9.97 -7.66 2.02
N GLY A 397 11.19 -7.98 2.40
CA GLY A 397 12.22 -6.96 2.52
C GLY A 397 13.28 -7.36 3.54
N LEU A 398 13.94 -6.34 4.09
CA LEU A 398 15.06 -6.54 4.99
C LEU A 398 14.60 -7.12 6.32
N VAL A 399 15.46 -7.95 6.92
CA VAL A 399 15.20 -8.56 8.22
C VAL A 399 15.64 -7.59 9.31
N VAL A 400 14.73 -7.29 10.22
CA VAL A 400 15.00 -6.38 11.33
C VAL A 400 14.49 -7.02 12.61
N ASP A 401 14.89 -6.43 13.74
CA ASP A 401 14.26 -6.73 15.01
C ASP A 401 13.27 -5.62 15.34
N THR A 402 12.60 -5.75 16.48
CA THR A 402 11.63 -4.74 16.88
C THR A 402 12.26 -3.39 17.20
N ARG A 403 13.59 -3.28 17.14
CA ARG A 403 14.28 -2.00 17.28
C ARG A 403 14.80 -1.49 15.94
N THR A 404 14.30 -2.04 14.84
CA THR A 404 14.65 -1.67 13.46
C THR A 404 16.11 -1.91 13.12
N ARG A 405 16.85 -2.61 13.97
CA ARG A 405 18.23 -2.93 13.64
C ARG A 405 18.27 -4.03 12.58
N VAL A 406 19.08 -3.82 11.54
CA VAL A 406 19.15 -4.76 10.44
C VAL A 406 20.04 -5.94 10.85
N LEU A 407 19.59 -7.15 10.49
CA LEU A 407 20.31 -8.37 10.81
C LEU A 407 20.92 -8.96 9.54
N ASP A 408 22.01 -9.70 9.72
CA ASP A 408 22.65 -10.40 8.60
C ASP A 408 21.99 -11.77 8.43
N GLU A 409 22.63 -12.67 7.70
CA GLU A 409 22.01 -13.96 7.43
C GLU A 409 22.15 -14.94 8.59
N GLN A 410 23.03 -14.69 9.55
CA GLN A 410 23.07 -15.51 10.70
C GLN A 410 22.21 -14.89 11.77
N GLY A 411 21.64 -13.73 11.48
CA GLY A 411 20.77 -13.10 12.43
C GLY A 411 21.39 -12.15 13.37
N LYS A 412 22.61 -11.82 13.11
CA LYS A 412 23.38 -10.92 13.92
C LYS A 412 23.20 -9.47 13.53
N VAL A 413 23.20 -8.59 14.53
CA VAL A 413 22.96 -7.17 14.26
C VAL A 413 24.11 -6.57 13.48
N ILE A 414 23.80 -5.87 12.40
CA ILE A 414 24.78 -5.09 11.65
C ILE A 414 24.83 -3.70 12.29
N PRO A 415 25.93 -3.32 12.93
CA PRO A 415 25.96 -2.05 13.66
C PRO A 415 25.80 -0.85 12.73
N GLY A 416 25.05 0.14 13.21
CA GLY A 416 24.86 1.38 12.49
C GLY A 416 23.85 1.34 11.37
N LEU A 417 23.24 0.20 11.10
CA LEU A 417 22.29 0.05 10.00
C LEU A 417 20.89 -0.21 10.56
N PHE A 418 19.94 0.61 10.15
CA PHE A 418 18.56 0.50 10.58
C PHE A 418 17.65 0.57 9.36
N ALA A 419 16.43 0.03 9.50
CA ALA A 419 15.47 0.02 8.41
C ALA A 419 14.06 0.05 8.97
N ALA A 420 13.18 0.76 8.27
CA ALA A 420 11.78 0.88 8.67
C ALA A 420 10.94 1.17 7.44
N GLY A 421 9.67 0.77 7.49
CA GLY A 421 8.75 0.98 6.40
C GLY A 421 8.57 -0.27 5.55
N GLU A 422 8.07 -0.05 4.33
CA GLU A 422 7.82 -1.13 3.39
C GLU A 422 9.11 -1.85 2.97
N VAL A 423 10.27 -1.28 3.25
CA VAL A 423 11.52 -1.93 2.87
C VAL A 423 11.81 -3.14 3.76
N THR A 424 11.19 -3.24 4.93
CA THR A 424 11.35 -4.38 5.80
C THR A 424 10.32 -5.46 5.43
N GLY A 425 10.55 -6.68 5.93
CA GLY A 425 9.74 -7.80 5.46
C GLY A 425 9.17 -8.77 6.47
N LEU A 426 8.98 -8.33 7.72
CA LEU A 426 8.60 -9.25 8.79
C LEU A 426 7.24 -8.94 9.42
N THR A 427 6.57 -7.86 9.03
CA THR A 427 5.39 -7.42 9.76
C THR A 427 4.09 -8.04 9.25
N HIS A 428 3.87 -8.03 7.93
CA HIS A 428 2.54 -8.23 7.39
C HIS A 428 2.23 -9.67 6.99
N GLY A 429 3.24 -10.45 6.59
CA GLY A 429 2.97 -11.82 6.19
C GLY A 429 2.58 -11.94 4.73
N THR A 430 1.63 -12.82 4.42
CA THR A 430 1.25 -13.08 3.05
C THR A 430 0.19 -12.13 2.51
N ASN A 431 -0.40 -11.31 3.36
CA ASN A 431 -1.46 -10.40 2.94
CA ASN A 431 -1.47 -10.41 2.95
C ASN A 431 -1.39 -9.16 3.81
N ARG A 432 -1.20 -8.00 3.19
CA ARG A 432 -1.11 -6.73 3.90
C ARG A 432 -2.51 -6.16 4.05
N LEU A 433 -3.02 -6.13 5.28
CA LEU A 433 -4.34 -5.60 5.53
C LEU A 433 -4.38 -4.11 5.24
N GLY A 434 -5.54 -3.64 4.77
CA GLY A 434 -5.69 -2.22 4.48
C GLY A 434 -5.48 -1.38 5.73
N GLY A 435 -4.85 -0.22 5.54
CA GLY A 435 -4.57 0.70 6.64
C GLY A 435 -3.44 0.29 7.55
N ASN A 436 -2.87 -0.91 7.38
CA ASN A 436 -1.79 -1.38 8.25
C ASN A 436 -0.43 -0.88 7.82
N ALA A 437 -0.25 -0.54 6.54
CA ALA A 437 1.07 -0.09 6.11
C ALA A 437 1.44 1.24 6.75
N TYR A 438 0.46 2.13 6.94
CA TYR A 438 0.77 3.44 7.50
C TYR A 438 1.07 3.34 8.99
N THR A 439 0.38 2.46 9.71
CA THR A 439 0.75 2.22 11.10
C THR A 439 2.17 1.69 11.20
N ASP A 440 2.56 0.83 10.25
CA ASP A 440 3.87 0.22 10.26
C ASP A 440 4.97 1.27 10.05
N ILE A 441 4.81 2.13 9.05
CA ILE A 441 5.90 3.05 8.69
C ILE A 441 6.07 4.14 9.74
N ILE A 442 4.99 4.59 10.37
CA ILE A 442 5.12 5.64 11.37
C ILE A 442 5.69 5.08 12.66
N VAL A 443 5.21 3.92 13.10
CA VAL A 443 5.68 3.34 14.36
C VAL A 443 7.16 2.98 14.26
N TYR A 444 7.52 2.26 13.21
CA TYR A 444 8.91 1.82 13.09
C TYR A 444 9.82 2.91 12.53
N GLY A 445 9.29 3.85 11.76
CA GLY A 445 10.07 5.02 11.41
C GLY A 445 10.55 5.78 12.62
N ARG A 446 9.61 6.07 13.55
CA ARG A 446 9.98 6.75 14.80
C ARG A 446 11.02 5.95 15.57
N ILE A 447 10.87 4.62 15.63
CA ILE A 447 11.82 3.79 16.37
C ILE A 447 13.18 3.85 15.72
N ALA A 448 13.22 3.81 14.38
CA ALA A 448 14.49 3.84 13.66
C ALA A 448 15.29 5.09 14.00
N GLY A 449 14.65 6.26 13.92
CA GLY A 449 15.34 7.50 14.24
C GLY A 449 15.77 7.59 15.70
N GLN A 450 14.97 7.03 16.60
CA GLN A 450 15.36 7.00 18.01
C GLN A 450 16.54 6.05 18.22
N GLU A 451 16.52 4.90 17.56
CA GLU A 451 17.62 3.94 17.72
C GLU A 451 18.87 4.41 17.00
N ALA A 452 18.69 5.02 15.83
CA ALA A 452 19.85 5.52 15.09
C ALA A 452 20.54 6.66 15.83
N ALA A 453 19.78 7.44 16.60
CA ALA A 453 20.35 8.60 17.26
C ALA A 453 21.13 8.26 18.52
N LYS A 454 21.16 7.00 18.94
CA LYS A 454 21.94 6.62 20.11
C LYS A 454 23.03 5.63 19.76
PA FAD B . 7.80 5.45 0.56
O1A FAD B . 6.73 6.34 1.03
O2A FAD B . 7.61 4.87 -0.85
O5B FAD B . 9.17 6.19 0.68
C5B FAD B . 10.34 5.72 -0.02
C4B FAD B . 11.06 6.91 -0.61
O4B FAD B . 12.46 6.59 -0.75
C3B FAD B . 10.57 7.34 -2.00
O3B FAD B . 10.46 8.76 -2.06
C2B FAD B . 11.66 6.82 -2.93
O2B FAD B . 11.82 7.62 -4.10
C1B FAD B . 12.89 6.98 -2.04
N9A FAD B . 14.02 6.15 -2.44
C8A FAD B . 13.99 4.85 -2.89
N7A FAD B . 15.16 4.36 -3.21
C5A FAD B . 16.03 5.42 -2.97
C6A FAD B . 17.42 5.55 -3.11
N6A FAD B . 18.22 4.57 -3.54
N1A FAD B . 17.98 6.74 -2.78
C2A FAD B . 17.19 7.72 -2.34
N3A FAD B . 15.86 7.71 -2.18
C4A FAD B . 15.34 6.53 -2.50
N1 FAD B . -1.30 2.17 3.22
C2 FAD B . -2.16 2.35 4.26
O2 FAD B . -1.89 1.96 5.40
N3 FAD B . -3.38 2.98 4.03
C4 FAD B . -3.83 3.46 2.82
O4 FAD B . -4.94 4.00 2.75
C4X FAD B . -2.90 3.26 1.72
N5 FAD B . -3.24 3.69 0.54
C5X FAD B . -2.35 3.52 -0.50
C6 FAD B . -2.70 3.97 -1.77
C7 FAD B . -1.84 3.82 -2.86
C7M FAD B . -2.26 4.31 -4.21
C8 FAD B . -0.59 3.19 -2.66
C8M FAD B . 0.36 3.00 -3.81
C9 FAD B . -0.24 2.74 -1.40
C9A FAD B . -1.10 2.90 -0.32
N10 FAD B . -0.78 2.43 0.97
C10 FAD B . -1.65 2.61 2.02
C1' FAD B . 0.52 1.79 1.23
C2' FAD B . 1.44 2.67 2.08
O2' FAD B . 1.14 4.05 1.85
C3' FAD B . 2.89 2.42 1.71
O3' FAD B . 3.24 1.06 1.96
C4' FAD B . 3.81 3.32 2.56
O4' FAD B . 3.49 4.68 2.24
C5' FAD B . 5.29 3.08 2.38
O5' FAD B . 6.01 4.15 3.02
P FAD B . 7.58 4.16 3.09
O1P FAD B . 8.04 5.44 3.78
O2P FAD B . 8.08 2.90 3.69
O3P FAD B . 7.97 4.23 1.55
C1 GOL C . 21.34 21.37 3.52
O1 GOL C . 20.86 22.56 4.07
C2 GOL C . 22.49 20.85 4.45
O2 GOL C . 23.74 21.37 4.06
C3 GOL C . 22.10 21.28 5.89
O3 GOL C . 22.88 20.54 6.77
C1 GOL D . 20.00 19.73 -3.19
O1 GOL D . 18.73 19.17 -2.95
C2 GOL D . 20.89 19.40 -1.96
O2 GOL D . 22.11 18.84 -2.33
C3 GOL D . 21.08 20.75 -1.21
O3 GOL D . 19.92 20.98 -0.47
C1 GOL E . -8.64 2.81 -2.34
O1 GOL E . -7.45 3.37 -2.82
C2 GOL E . -8.56 1.27 -2.56
O2 GOL E . -9.83 0.71 -2.72
C3 GOL E . -7.81 0.72 -1.30
O3 GOL E . -7.10 -0.43 -1.68
CL CL F . 30.51 19.02 6.92
CL CL G . 12.20 -16.24 2.37
CL CL H . 9.10 13.95 19.56
S SO4 I . -4.67 0.09 1.41
O1 SO4 I . -4.15 0.38 2.75
O2 SO4 I . -5.68 1.09 1.07
O3 SO4 I . -5.26 -1.24 1.39
O4 SO4 I . -3.57 0.15 0.44
S SO4 J . -8.28 -8.29 1.73
O1 SO4 J . -8.43 -6.83 1.77
O2 SO4 J . -6.99 -8.66 2.32
O3 SO4 J . -9.36 -8.90 2.49
O4 SO4 J . -8.34 -8.73 0.34
S SO4 K . -11.33 10.92 -10.78
O1 SO4 K . -11.66 10.60 -9.39
O2 SO4 K . -9.88 10.96 -10.94
O3 SO4 K . -11.89 9.89 -11.65
O4 SO4 K . -11.89 12.23 -11.13
S SO4 L . 19.42 20.75 -6.91
O1 SO4 L . 18.96 21.90 -6.13
O2 SO4 L . 20.85 20.57 -6.69
O3 SO4 L . 18.71 19.55 -6.48
O4 SO4 L . 19.17 20.98 -8.33
S SO4 M . 21.96 -1.26 23.31
O1 SO4 M . 21.12 -0.91 24.46
O2 SO4 M . 23.36 -1.25 23.70
O3 SO4 M . 21.60 -2.60 22.83
O4 SO4 M . 21.74 -0.27 22.25
S SO4 N . -6.36 -4.33 25.12
O1 SO4 N . -7.18 -5.11 26.03
O2 SO4 N . -5.29 -3.66 25.85
O3 SO4 N . -5.78 -5.21 24.11
O4 SO4 N . -7.19 -3.32 24.47
NA NA O . 7.85 -5.15 2.86
#